data_9GPE
#
_entry.id   9GPE
#
_cell.length_a   94.946
_cell.length_b   99.337
_cell.length_c   153.553
_cell.angle_alpha   90.00
_cell.angle_beta   90.00
_cell.angle_gamma   90.00
#
_symmetry.space_group_name_H-M   'I 2 2 2'
#
loop_
_entity.id
_entity.type
_entity.pdbx_description
1 polymer 'DUF5060 domain-containing protein'
2 branched beta-D-mannopyranose-(1-4)-beta-D-mannopyranose-(1-4)-beta-D-mannopyranose-(1-4)-beta-D-mannopyranose
3 non-polymer beta-D-mannopyranose
4 water water
#
_entity_poly.entity_id   1
_entity_poly.type   'polypeptide(L)'
_entity_poly.pdbx_seq_one_letter_code
;ESRYKDNRPLNILGIDISKMELGRYNLFEVSIFLQGSYLNPFDPQEIDVEGIFEDQYGNQYRVPGFFYQEYKRELKNDYE
YLVPVGDPYFKIRFSPINIGSYKFFIKVKDKTGREVSSDKYTIYVKESEKPGYIRVSEKNWRYFKFDNGRQFLPIGANIC
WATSKGTYDYDVWLPKCAENGGNYFRVWLGPSWATFALERESVKEYDLKNAWKLDYVLNLAEKLNMYIMFCFDSYNELRY
QKEGAYPYWEHTPHYEKNGGPLKEPKDFWTNNEMIKYYKNKLRYIVARYGYSTNVFAWEFWNQVDIISPTAFVIGEVKKW
HEDMAKYLNSIDPWKHLITTSFAFSPGKPEIDSISGLNFVQTHIYKSNRYIDALLSLIAYKEKYRKPHLVGEFGLDAGGN
DLWVDPNGYVIHNAIWTTILSGASGTAMSWWWDNHIHPNNLYFHYRALADFVKDINFLEEKFERLTNYKFNVYNREIKVI
GLQGKKYILLWLYNAKEAYQYKKDIPNMDSSKFLGSIELLIKPPIKVIYYDTYRGEKIKELDLDKNVIPIIEFERDLAIK
IELLGEGE
;
_entity_poly.pdbx_strand_id   A
#
# COMPACT_ATOMS: atom_id res chain seq x y z
N SER A 2 -1.59 32.54 2.57
CA SER A 2 -0.24 32.89 2.17
C SER A 2 0.67 33.19 3.37
N ARG A 3 0.54 32.39 4.43
CA ARG A 3 1.34 32.62 5.63
C ARG A 3 2.84 32.48 5.36
N TYR A 4 3.24 31.86 4.25
CA TYR A 4 4.63 31.57 3.96
C TYR A 4 5.20 32.40 2.82
N LYS A 5 4.57 33.53 2.50
CA LYS A 5 4.99 34.32 1.36
C LYS A 5 6.37 34.93 1.59
N ASP A 6 7.00 35.29 0.49
CA ASP A 6 8.27 36.03 0.52
C ASP A 6 8.24 37.02 -0.64
N ASN A 7 8.96 38.13 -0.47
CA ASN A 7 8.92 39.18 -1.49
C ASN A 7 10.31 39.77 -1.74
N ARG A 8 11.34 38.95 -1.72
CA ARG A 8 12.71 39.38 -1.84
C ARG A 8 13.32 38.89 -3.16
N PRO A 9 14.43 39.48 -3.60
CA PRO A 9 15.06 39.00 -4.84
C PRO A 9 15.57 37.57 -4.67
N LEU A 10 15.37 36.77 -5.71
CA LEU A 10 15.64 35.34 -5.63
C LEU A 10 17.13 35.07 -5.40
N ASN A 11 17.45 34.37 -4.32
CA ASN A 11 18.83 34.03 -4.02
C ASN A 11 18.87 32.76 -3.19
N ILE A 12 19.76 31.85 -3.55
CA ILE A 12 20.10 30.78 -2.63
C ILE A 12 20.97 31.34 -1.52
N LEU A 13 20.65 30.99 -0.27
CA LEU A 13 21.38 31.51 0.88
C LEU A 13 22.33 30.48 1.51
N GLY A 14 21.92 29.22 1.54
CA GLY A 14 22.78 28.18 2.09
C GLY A 14 22.26 26.83 1.66
N ILE A 15 23.17 25.86 1.60
CA ILE A 15 22.81 24.49 1.24
C ILE A 15 23.51 23.55 2.22
N ASP A 16 22.76 22.59 2.76
CA ASP A 16 23.33 21.55 3.59
C ASP A 16 23.11 20.20 2.93
N ILE A 17 24.13 19.36 2.94
CA ILE A 17 24.08 18.06 2.31
C ILE A 17 24.22 17.00 3.39
N SER A 18 23.31 16.00 3.38
CA SER A 18 23.24 15.08 4.51
C SER A 18 24.48 14.18 4.58
N LYS A 19 24.98 13.74 3.43
CA LYS A 19 26.16 12.89 3.39
C LYS A 19 26.74 12.95 1.99
N MET A 20 28.05 12.80 1.89
CA MET A 20 28.65 12.75 0.57
C MET A 20 28.82 11.33 0.05
N GLU A 21 28.71 10.35 0.93
CA GLU A 21 28.79 8.94 0.55
C GLU A 21 27.57 8.22 1.11
N LEU A 22 26.94 7.38 0.29
CA LEU A 22 25.76 6.69 0.77
C LEU A 22 25.56 5.43 -0.07
N GLY A 23 24.60 4.61 0.37
CA GLY A 23 24.38 3.34 -0.29
C GLY A 23 23.26 3.39 -1.32
N ARG A 24 23.27 2.39 -2.21
CA ARG A 24 22.25 2.28 -3.24
C ARG A 24 20.87 2.33 -2.62
N TYR A 25 19.98 3.12 -3.23
CA TYR A 25 18.60 3.29 -2.80
C TYR A 25 18.44 3.95 -1.43
N ASN A 26 19.51 4.50 -0.86
CA ASN A 26 19.37 5.21 0.40
C ASN A 26 19.01 6.67 0.14
N LEU A 27 18.51 7.33 1.19
CA LEU A 27 18.12 8.73 1.09
C LEU A 27 19.33 9.64 1.08
N PHE A 28 19.37 10.53 0.09
CA PHE A 28 20.32 11.63 0.03
C PHE A 28 19.50 12.90 0.13
N GLU A 29 19.71 13.69 1.19
CA GLU A 29 18.84 14.84 1.45
C GLU A 29 19.62 16.14 1.39
N VAL A 30 19.10 17.09 0.64
CA VAL A 30 19.66 18.43 0.52
C VAL A 30 18.71 19.41 1.19
N SER A 31 19.26 20.26 2.05
CA SER A 31 18.47 21.33 2.66
C SER A 31 18.91 22.66 2.08
N ILE A 32 17.93 23.49 1.70
CA ILE A 32 18.18 24.72 0.97
C ILE A 32 17.51 25.87 1.70
N PHE A 33 18.29 26.88 2.03
CA PHE A 33 17.76 28.13 2.56
C PHE A 33 17.82 29.15 1.44
N LEU A 34 16.71 29.82 1.19
CA LEU A 34 16.65 30.76 0.08
C LEU A 34 15.73 31.90 0.43
N GLN A 35 15.79 32.94 -0.38
CA GLN A 35 14.82 34.02 -0.39
C GLN A 35 14.33 34.21 -1.81
N GLY A 36 13.11 34.72 -1.95
CA GLY A 36 12.58 34.93 -3.28
C GLY A 36 11.21 35.57 -3.19
N SER A 37 10.55 35.61 -4.34
CA SER A 37 9.22 36.20 -4.45
C SER A 37 8.23 35.09 -4.76
N TYR A 38 7.38 34.78 -3.79
CA TYR A 38 6.37 33.75 -4.00
C TYR A 38 5.28 33.92 -2.95
N LEU A 39 4.04 33.62 -3.34
CA LEU A 39 2.95 33.69 -2.40
C LEU A 39 2.62 32.35 -1.76
N ASN A 40 3.08 31.27 -2.36
CA ASN A 40 2.71 29.93 -1.96
C ASN A 40 3.87 28.99 -2.26
N PRO A 41 4.60 28.54 -1.23
CA PRO A 41 5.77 27.68 -1.48
C PRO A 41 5.40 26.30 -1.97
N PHE A 42 4.12 25.94 -1.96
CA PHE A 42 3.67 24.66 -2.48
C PHE A 42 3.28 24.72 -3.95
N ASP A 43 3.36 25.89 -4.57
CA ASP A 43 2.90 26.09 -5.92
C ASP A 43 4.09 26.34 -6.84
N PRO A 44 4.40 25.46 -7.79
CA PRO A 44 5.60 25.66 -8.63
C PRO A 44 5.53 26.89 -9.53
N GLN A 45 4.33 27.42 -9.82
CA GLN A 45 4.24 28.68 -10.55
C GLN A 45 4.63 29.87 -9.67
N GLU A 46 4.69 29.69 -8.36
CA GLU A 46 5.18 30.74 -7.47
C GLU A 46 6.66 30.55 -7.17
N ILE A 47 7.07 29.32 -6.85
CA ILE A 47 8.49 29.03 -6.69
C ILE A 47 8.71 27.56 -7.04
N ASP A 48 9.72 27.31 -7.86
CA ASP A 48 10.02 25.98 -8.40
C ASP A 48 11.45 25.64 -8.03
N VAL A 49 11.63 24.75 -7.05
CA VAL A 49 12.95 24.24 -6.66
C VAL A 49 13.13 22.90 -7.32
N GLU A 50 14.29 22.67 -7.94
CA GLU A 50 14.57 21.37 -8.54
C GLU A 50 16.01 20.98 -8.24
N GLY A 51 16.23 19.69 -8.06
CA GLY A 51 17.57 19.13 -8.01
C GLY A 51 17.79 18.29 -9.27
N ILE A 52 18.89 18.57 -9.96
CA ILE A 52 19.20 17.87 -11.20
C ILE A 52 20.38 16.95 -10.92
N PHE A 53 20.14 15.64 -10.99
CA PHE A 53 21.13 14.61 -10.67
C PHE A 53 21.52 13.83 -11.92
N GLU A 54 22.79 13.46 -12.01
CA GLU A 54 23.23 12.66 -13.15
C GLU A 54 24.21 11.60 -12.67
N ASP A 55 23.98 10.35 -13.06
CA ASP A 55 24.92 9.30 -12.69
C ASP A 55 26.03 9.23 -13.73
N GLN A 56 26.95 8.28 -13.56
CA GLN A 56 28.05 8.16 -14.51
C GLN A 56 27.66 7.34 -15.74
N TYR A 57 26.38 7.01 -15.88
CA TYR A 57 25.86 6.28 -17.03
C TYR A 57 24.88 7.11 -17.84
N GLY A 58 24.98 8.45 -17.72
CA GLY A 58 24.16 9.36 -18.49
C GLY A 58 22.74 9.57 -18.00
N ASN A 59 22.26 8.75 -17.07
CA ASN A 59 20.90 8.91 -16.58
C ASN A 59 20.77 10.22 -15.80
N GLN A 60 19.73 10.98 -16.10
CA GLN A 60 19.47 12.24 -15.41
C GLN A 60 18.15 12.13 -14.67
N TYR A 61 18.11 12.72 -13.48
CA TYR A 61 16.93 12.73 -12.64
C TYR A 61 16.60 14.17 -12.30
N ARG A 62 15.35 14.57 -12.53
CA ARG A 62 14.88 15.91 -12.20
C ARG A 62 13.96 15.75 -11.01
N VAL A 63 14.41 16.19 -9.84
CA VAL A 63 13.72 15.94 -8.58
C VAL A 63 13.10 17.26 -8.12
N PRO A 64 11.78 17.36 -8.02
CA PRO A 64 11.20 18.58 -7.46
C PRO A 64 11.52 18.70 -5.98
N GLY A 65 11.74 19.95 -5.53
CA GLY A 65 11.96 20.21 -4.13
C GLY A 65 10.67 20.62 -3.44
N PHE A 66 10.70 20.63 -2.11
CA PHE A 66 9.47 20.85 -1.36
C PHE A 66 9.73 21.66 -0.10
N PHE A 67 8.70 22.38 0.33
CA PHE A 67 8.74 23.19 1.54
C PHE A 67 8.61 22.30 2.78
N TYR A 68 9.40 22.62 3.81
CA TYR A 68 9.57 21.75 4.97
C TYR A 68 9.65 22.57 6.24
N GLN A 69 8.95 22.11 7.28
CA GLN A 69 9.10 22.63 8.63
C GLN A 69 9.54 21.49 9.56
N GLU A 70 10.62 21.72 10.32
CA GLU A 70 11.06 20.76 11.31
C GLU A 70 10.18 20.83 12.55
N TYR A 71 9.90 19.66 13.13
CA TYR A 71 9.16 19.60 14.39
C TYR A 71 9.86 18.67 15.35
N LYS A 72 9.54 18.87 16.63
CA LYS A 72 9.91 17.96 17.70
C LYS A 72 8.62 17.41 18.30
N ARG A 73 8.47 16.09 18.31
CA ARG A 73 7.25 15.48 18.82
C ARG A 73 7.35 15.21 20.31
N GLU A 74 6.19 15.25 20.97
CA GLU A 74 6.07 14.80 22.34
C GLU A 74 4.69 14.18 22.52
N LEU A 75 4.57 13.33 23.53
CA LEU A 75 3.29 12.71 23.88
C LEU A 75 2.79 13.38 25.16
N LYS A 76 1.70 14.14 25.04
CA LYS A 76 1.06 14.78 26.20
C LYS A 76 -0.02 13.84 26.73
N ASN A 77 0.44 12.86 27.49
CA ASN A 77 -0.37 11.73 27.97
C ASN A 77 -1.04 10.99 26.83
N ASP A 78 -2.13 11.54 26.28
CA ASP A 78 -2.88 10.77 25.31
C ASP A 78 -2.97 11.42 23.95
N TYR A 79 -2.21 12.48 23.68
CA TYR A 79 -2.17 13.03 22.33
C TYR A 79 -0.78 13.49 21.95
N GLU A 80 -0.45 13.31 20.67
CA GLU A 80 0.79 13.80 20.10
C GLU A 80 0.74 15.31 19.92
N TYR A 81 1.83 15.98 20.28
CA TYR A 81 1.98 17.41 20.10
C TYR A 81 3.29 17.67 19.39
N LEU A 82 3.26 18.47 18.33
CA LEU A 82 4.44 18.80 17.54
C LEU A 82 4.82 20.27 17.77
N VAL A 83 6.07 20.49 18.15
CA VAL A 83 6.63 21.82 18.39
C VAL A 83 7.48 22.20 17.18
N PRO A 84 7.24 23.34 16.53
CA PRO A 84 8.11 23.72 15.41
C PRO A 84 9.50 24.09 15.91
N VAL A 85 10.50 23.70 15.12
CA VAL A 85 11.90 23.97 15.41
C VAL A 85 12.48 24.73 14.22
N GLY A 86 12.91 25.96 14.46
CA GLY A 86 13.50 26.76 13.40
C GLY A 86 12.50 27.28 12.39
N ASP A 87 13.02 28.03 11.42
CA ASP A 87 12.23 28.51 10.29
C ASP A 87 12.03 27.39 9.28
N PRO A 88 10.94 27.42 8.52
CA PRO A 88 10.80 26.48 7.42
C PRO A 88 11.78 26.81 6.30
N TYR A 89 12.03 25.81 5.45
CA TYR A 89 13.00 25.92 4.37
C TYR A 89 12.65 24.86 3.32
N PHE A 90 13.50 24.71 2.32
CA PHE A 90 13.22 23.77 1.23
C PHE A 90 14.16 22.58 1.29
N LYS A 91 13.67 21.44 0.81
CA LYS A 91 14.47 20.23 0.79
C LYS A 91 14.38 19.58 -0.58
N ILE A 92 15.43 18.81 -0.89
CA ILE A 92 15.40 17.88 -2.02
C ILE A 92 15.74 16.51 -1.47
N ARG A 93 14.96 15.50 -1.84
CA ARG A 93 15.20 14.13 -1.38
C ARG A 93 15.42 13.23 -2.59
N PHE A 94 16.59 12.62 -2.66
CA PHE A 94 17.01 11.83 -3.80
C PHE A 94 17.37 10.42 -3.35
N SER A 95 17.23 9.46 -4.24
CA SER A 95 17.67 8.10 -3.98
C SER A 95 18.39 7.59 -5.21
N PRO A 96 19.62 7.10 -5.10
CA PRO A 96 20.35 6.62 -6.29
C PRO A 96 20.03 5.19 -6.65
N ILE A 97 19.76 4.93 -7.92
CA ILE A 97 19.50 3.58 -8.40
C ILE A 97 20.79 2.87 -8.79
N ASN A 98 21.66 3.54 -9.54
CA ASN A 98 22.99 3.01 -9.84
C ASN A 98 23.97 3.40 -8.75
N ILE A 99 25.03 2.59 -8.61
CA ILE A 99 26.15 2.95 -7.74
C ILE A 99 27.17 3.73 -8.56
N GLY A 100 28.22 4.20 -7.91
CA GLY A 100 29.20 5.05 -8.56
C GLY A 100 29.00 6.51 -8.24
N SER A 101 29.55 7.35 -9.09
CA SER A 101 29.55 8.79 -8.84
C SER A 101 28.30 9.44 -9.43
N TYR A 102 27.83 10.49 -8.75
CA TYR A 102 26.77 11.37 -9.24
C TYR A 102 27.22 12.81 -9.15
N LYS A 103 26.77 13.62 -10.10
CA LYS A 103 26.87 15.07 -10.04
C LYS A 103 25.47 15.64 -9.89
N PHE A 104 25.33 16.70 -9.10
CA PHE A 104 24.03 17.34 -9.01
C PHE A 104 24.17 18.83 -8.76
N PHE A 105 23.12 19.55 -9.13
CA PHE A 105 23.03 20.96 -8.78
C PHE A 105 21.58 21.30 -8.50
N ILE A 106 21.40 22.47 -7.86
CA ILE A 106 20.09 22.99 -7.49
C ILE A 106 19.73 24.10 -8.46
N LYS A 107 18.48 24.12 -8.90
CA LYS A 107 17.95 25.19 -9.74
C LYS A 107 16.68 25.72 -9.08
N VAL A 108 16.54 27.05 -9.02
CA VAL A 108 15.35 27.67 -8.44
C VAL A 108 14.85 28.76 -9.36
N LYS A 109 13.53 28.80 -9.55
CA LYS A 109 12.88 29.84 -10.33
C LYS A 109 11.66 30.32 -9.56
N ASP A 110 11.46 31.64 -9.49
CA ASP A 110 10.27 32.12 -8.79
C ASP A 110 9.34 32.85 -9.77
N LYS A 111 8.28 33.45 -9.22
CA LYS A 111 7.21 33.99 -10.05
C LYS A 111 7.67 35.15 -10.93
N THR A 112 8.80 35.77 -10.60
CA THR A 112 9.31 36.86 -11.43
C THR A 112 9.95 36.39 -12.73
N GLY A 113 10.14 35.08 -12.90
CA GLY A 113 10.93 34.57 -14.00
C GLY A 113 12.42 34.49 -13.74
N ARG A 114 12.92 35.13 -12.67
CA ARG A 114 14.32 35.01 -12.30
C ARG A 114 14.65 33.55 -11.99
N GLU A 115 15.85 33.13 -12.37
CA GLU A 115 16.32 31.78 -12.14
C GLU A 115 17.73 31.83 -11.59
N VAL A 116 17.98 31.06 -10.52
CA VAL A 116 19.30 30.96 -9.92
C VAL A 116 19.66 29.48 -9.82
N SER A 117 20.95 29.21 -9.74
CA SER A 117 21.39 27.82 -9.65
C SER A 117 22.65 27.73 -8.80
N SER A 118 22.90 26.53 -8.30
CA SER A 118 24.10 26.24 -7.55
C SER A 118 25.19 25.70 -8.48
N ASP A 119 26.42 25.71 -7.98
CA ASP A 119 27.48 24.95 -8.61
C ASP A 119 27.13 23.46 -8.56
N LYS A 120 27.93 22.66 -9.26
CA LYS A 120 27.73 21.23 -9.26
C LYS A 120 28.48 20.58 -8.10
N TYR A 121 27.82 19.62 -7.45
CA TYR A 121 28.40 18.89 -6.34
C TYR A 121 28.49 17.42 -6.71
N THR A 122 29.47 16.71 -6.14
CA THR A 122 29.69 15.31 -6.46
C THR A 122 29.46 14.46 -5.22
N ILE A 123 28.74 13.35 -5.38
CA ILE A 123 28.55 12.38 -4.31
C ILE A 123 28.91 11.00 -4.86
N TYR A 124 29.17 10.08 -3.95
CA TYR A 124 29.54 8.72 -4.34
C TYR A 124 28.60 7.72 -3.71
N VAL A 125 28.19 6.73 -4.49
CA VAL A 125 27.20 5.75 -4.05
C VAL A 125 27.84 4.36 -4.05
N LYS A 126 27.77 3.69 -2.91
CA LYS A 126 28.26 2.33 -2.71
C LYS A 126 27.10 1.34 -2.73
N GLU A 127 27.43 0.07 -2.98
CA GLU A 127 26.43 -0.99 -2.93
C GLU A 127 25.80 -1.06 -1.55
N SER A 128 24.54 -1.53 -1.51
CA SER A 128 23.82 -1.67 -0.26
C SER A 128 23.00 -2.95 -0.28
N GLU A 129 22.34 -3.20 0.85
CA GLU A 129 21.46 -4.36 1.00
C GLU A 129 20.06 -4.12 0.45
N LYS A 130 19.74 -2.90 0.05
CA LYS A 130 18.36 -2.59 -0.30
C LYS A 130 17.98 -3.24 -1.63
N PRO A 131 16.81 -3.88 -1.71
CA PRO A 131 16.41 -4.57 -2.95
C PRO A 131 15.89 -3.67 -4.05
N GLY A 132 15.55 -2.43 -3.73
CA GLY A 132 15.07 -1.49 -4.72
C GLY A 132 13.58 -1.22 -4.64
N TYR A 133 13.05 -0.63 -5.71
CA TYR A 133 11.64 -0.29 -5.79
C TYR A 133 10.80 -1.50 -6.17
N ILE A 134 9.52 -1.43 -5.83
CA ILE A 134 8.58 -2.52 -6.13
C ILE A 134 7.93 -2.25 -7.47
N ARG A 135 7.95 -3.27 -8.33
CA ARG A 135 7.47 -3.24 -9.72
C ARG A 135 6.54 -4.43 -9.92
N VAL A 136 5.85 -4.48 -11.06
CA VAL A 136 5.17 -5.70 -11.48
C VAL A 136 6.21 -6.69 -11.99
N SER A 137 6.06 -7.97 -11.65
CA SER A 137 6.99 -8.98 -12.14
C SER A 137 6.81 -9.19 -13.63
N GLU A 138 7.93 -9.20 -14.36
CA GLU A 138 7.90 -9.54 -15.77
C GLU A 138 7.75 -11.04 -15.99
N LYS A 139 8.04 -11.85 -14.97
CA LYS A 139 7.95 -13.30 -15.12
C LYS A 139 6.54 -13.82 -14.88
N ASN A 140 5.78 -13.14 -14.03
CA ASN A 140 4.42 -13.55 -13.72
C ASN A 140 3.64 -12.30 -13.33
N TRP A 141 2.76 -11.84 -14.22
CA TRP A 141 2.07 -10.58 -14.00
C TRP A 141 1.11 -10.60 -12.81
N ARG A 142 0.90 -11.75 -12.18
CA ARG A 142 0.08 -11.80 -10.99
C ARG A 142 0.80 -11.27 -9.76
N TYR A 143 2.11 -11.05 -9.85
CA TYR A 143 2.90 -10.79 -8.65
C TYR A 143 3.80 -9.58 -8.82
N PHE A 144 4.25 -9.06 -7.67
CA PHE A 144 5.20 -7.96 -7.59
C PHE A 144 6.62 -8.47 -7.36
N LYS A 145 7.59 -7.63 -7.72
CA LYS A 145 8.99 -7.91 -7.47
C LYS A 145 9.66 -6.63 -7.01
N PHE A 146 10.83 -6.78 -6.39
CA PHE A 146 11.75 -5.67 -6.21
C PHE A 146 12.64 -5.53 -7.44
N ASP A 147 13.31 -4.38 -7.55
CA ASP A 147 14.21 -4.17 -8.67
C ASP A 147 15.26 -5.28 -8.77
N ASN A 148 15.69 -5.82 -7.64
CA ASN A 148 16.74 -6.84 -7.67
C ASN A 148 16.22 -8.22 -8.04
N GLY A 149 14.93 -8.33 -8.38
CA GLY A 149 14.38 -9.58 -8.85
C GLY A 149 13.72 -10.44 -7.80
N ARG A 150 13.93 -10.17 -6.52
CA ARG A 150 13.24 -10.92 -5.48
C ARG A 150 11.76 -10.56 -5.46
N GLN A 151 10.93 -11.52 -5.07
CA GLN A 151 9.50 -11.27 -5.03
C GLN A 151 9.13 -10.31 -3.91
N PHE A 152 8.09 -9.52 -4.12
CA PHE A 152 7.44 -8.78 -3.04
C PHE A 152 6.04 -9.36 -2.91
N LEU A 153 5.82 -10.09 -1.82
CA LEU A 153 4.53 -10.69 -1.52
C LEU A 153 3.94 -9.94 -0.34
N PRO A 154 3.01 -9.00 -0.56
CA PRO A 154 2.54 -8.17 0.56
C PRO A 154 1.75 -9.00 1.56
N ILE A 155 2.18 -8.92 2.82
CA ILE A 155 1.53 -9.53 3.97
C ILE A 155 1.36 -8.43 5.00
N GLY A 156 0.13 -8.15 5.40
CA GLY A 156 -0.07 -7.08 6.36
C GLY A 156 -1.54 -6.75 6.50
N ALA A 157 -1.82 -5.46 6.71
CA ALA A 157 -3.19 -5.02 6.91
C ALA A 157 -3.27 -3.54 6.61
N ASN A 158 -4.50 -3.04 6.52
CA ASN A 158 -4.69 -1.60 6.56
C ASN A 158 -4.26 -1.08 7.93
N ILE A 159 -3.50 0.01 7.94
CA ILE A 159 -3.17 0.71 9.19
C ILE A 159 -3.27 2.20 8.88
N CYS A 160 -4.49 2.66 8.57
CA CYS A 160 -4.62 3.84 7.72
C CYS A 160 -4.51 5.17 8.47
N TRP A 161 -4.79 5.19 9.76
CA TRP A 161 -4.65 6.40 10.56
C TRP A 161 -4.46 6.00 12.02
N ALA A 162 -3.97 6.95 12.80
CA ALA A 162 -3.75 6.74 14.23
C ALA A 162 -4.86 7.42 15.04
N THR A 163 -4.83 7.14 16.34
CA THR A 163 -5.63 7.86 17.32
C THR A 163 -5.00 9.23 17.53
N SER A 164 -5.45 9.94 18.57
CA SER A 164 -4.80 11.19 18.97
C SER A 164 -3.31 11.00 19.24
N LYS A 165 -2.88 9.77 19.55
CA LYS A 165 -1.47 9.55 19.84
C LYS A 165 -0.59 9.63 18.60
N GLY A 166 -1.18 9.63 17.41
CA GLY A 166 -0.41 9.98 16.21
C GLY A 166 0.70 8.98 15.94
N THR A 167 1.92 9.51 15.69
CA THR A 167 3.03 8.63 15.37
C THR A 167 3.34 7.65 16.48
N TYR A 168 2.97 7.97 17.73
CA TYR A 168 3.23 7.05 18.83
C TYR A 168 2.42 5.75 18.69
N ASP A 169 1.29 5.79 17.97
CA ASP A 169 0.58 4.54 17.70
C ASP A 169 1.36 3.66 16.72
N TYR A 170 1.95 4.28 15.69
CA TYR A 170 2.71 3.50 14.73
C TYR A 170 3.95 2.90 15.35
N ASP A 171 4.53 3.58 16.35
CA ASP A 171 5.62 3.03 17.14
C ASP A 171 5.26 1.69 17.75
N VAL A 172 3.99 1.46 18.02
CA VAL A 172 3.50 0.22 18.63
C VAL A 172 3.03 -0.76 17.58
N TRP A 173 2.20 -0.31 16.63
CA TRP A 173 1.58 -1.22 15.68
C TRP A 173 2.61 -1.79 14.71
N LEU A 174 3.50 -0.94 14.18
CA LEU A 174 4.38 -1.42 13.10
C LEU A 174 5.38 -2.46 13.59
N PRO A 175 6.07 -2.30 14.72
CA PRO A 175 6.99 -3.37 15.13
C PRO A 175 6.27 -4.68 15.40
N LYS A 176 5.05 -4.63 15.93
CA LYS A 176 4.27 -5.85 16.13
C LYS A 176 3.95 -6.51 14.80
N CYS A 177 3.51 -5.72 13.83
CA CYS A 177 3.22 -6.27 12.51
C CYS A 177 4.46 -6.88 11.88
N ALA A 178 5.60 -6.18 11.96
CA ALA A 178 6.80 -6.61 11.27
C ALA A 178 7.40 -7.86 11.90
N GLU A 179 7.32 -7.98 13.22
CA GLU A 179 7.90 -9.18 13.82
C GLU A 179 7.03 -10.41 13.62
N ASN A 180 5.82 -10.23 13.09
CA ASN A 180 4.92 -11.33 12.80
C ASN A 180 4.74 -11.53 11.29
N GLY A 181 5.78 -11.23 10.51
CA GLY A 181 5.76 -11.50 9.08
C GLY A 181 5.17 -10.41 8.21
N GLY A 182 4.78 -9.29 8.80
CA GLY A 182 4.16 -8.23 8.01
C GLY A 182 5.20 -7.36 7.30
N ASN A 183 4.95 -7.06 6.03
CA ASN A 183 5.82 -6.19 5.26
C ASN A 183 5.04 -5.11 4.53
N TYR A 184 3.77 -4.92 4.88
CA TYR A 184 2.89 -4.06 4.10
C TYR A 184 1.89 -3.36 5.02
N PHE A 185 1.62 -2.09 4.75
CA PHE A 185 0.39 -1.48 5.24
C PHE A 185 0.00 -0.34 4.30
N ARG A 186 -1.17 0.23 4.57
CA ARG A 186 -1.73 1.31 3.77
C ARG A 186 -2.08 2.47 4.69
N VAL A 187 -1.80 3.69 4.25
CA VAL A 187 -2.11 4.90 5.02
C VAL A 187 -2.95 5.83 4.17
N TRP A 188 -3.73 6.68 4.84
CA TRP A 188 -4.59 7.65 4.17
C TRP A 188 -4.03 9.05 4.31
N LEU A 189 -4.01 9.78 3.18
CA LEU A 189 -3.56 11.17 3.18
C LEU A 189 -4.73 12.15 3.04
N GLY A 190 -5.94 11.62 3.13
CA GLY A 190 -7.19 12.37 3.15
C GLY A 190 -8.23 11.45 3.78
N PRO A 191 -9.40 11.97 4.20
CA PRO A 191 -9.85 13.36 4.22
C PRO A 191 -9.11 14.17 5.28
N SER A 192 -9.57 15.40 5.55
CA SER A 192 -8.74 16.34 6.30
C SER A 192 -8.56 15.94 7.77
N TRP A 193 -9.35 15.01 8.29
CA TRP A 193 -9.17 14.53 9.66
C TRP A 193 -8.09 13.48 9.79
N ALA A 194 -7.55 12.99 8.67
CA ALA A 194 -6.63 11.86 8.71
C ALA A 194 -5.30 12.28 9.34
N THR A 195 -4.64 11.30 9.97
CA THR A 195 -3.34 11.56 10.59
C THR A 195 -2.37 12.23 9.62
N PHE A 196 -2.33 11.77 8.37
CA PHE A 196 -1.39 12.26 7.38
C PHE A 196 -2.03 13.16 6.34
N ALA A 197 -3.13 13.86 6.69
CA ALA A 197 -3.82 14.68 5.71
C ALA A 197 -2.96 15.84 5.25
N LEU A 198 -2.66 15.90 3.95
CA LEU A 198 -1.91 17.03 3.44
C LEU A 198 -2.83 18.23 3.20
N GLU A 199 -4.04 17.99 2.69
CA GLU A 199 -5.04 19.02 2.54
C GLU A 199 -5.89 19.05 3.80
N ARG A 200 -5.35 19.72 4.83
CA ARG A 200 -6.04 19.76 6.12
C ARG A 200 -6.93 20.98 6.24
N GLU A 201 -6.41 22.16 5.95
CA GLU A 201 -7.19 23.39 5.98
C GLU A 201 -7.40 23.99 4.60
N SER A 202 -6.73 23.48 3.58
CA SER A 202 -6.66 24.12 2.28
C SER A 202 -6.35 23.05 1.23
N VAL A 203 -6.78 23.28 -0.01
CA VAL A 203 -6.29 22.48 -1.12
C VAL A 203 -5.16 23.15 -1.86
N LYS A 204 -4.76 24.36 -1.46
CA LYS A 204 -3.69 25.09 -2.11
C LYS A 204 -2.37 24.99 -1.38
N GLU A 205 -2.41 24.75 -0.07
CA GLU A 205 -1.23 24.64 0.77
C GLU A 205 -1.37 23.38 1.61
N TYR A 206 -0.25 22.73 1.91
CA TYR A 206 -0.29 21.42 2.53
C TYR A 206 0.22 21.49 3.97
N ASP A 207 -0.29 20.60 4.81
CA ASP A 207 -0.09 20.67 6.24
C ASP A 207 1.30 20.14 6.59
N LEU A 208 2.16 21.01 7.10
CA LEU A 208 3.55 20.61 7.34
C LEU A 208 3.68 19.69 8.53
N LYS A 209 2.79 19.80 9.52
CA LYS A 209 2.80 18.88 10.65
C LYS A 209 2.44 17.47 10.20
N ASN A 210 1.34 17.32 9.46
CA ASN A 210 0.94 15.98 9.03
C ASN A 210 1.96 15.38 8.07
N ALA A 211 2.59 16.22 7.25
CA ALA A 211 3.64 15.72 6.35
C ALA A 211 4.84 15.23 7.15
N TRP A 212 5.15 15.91 8.26
CA TRP A 212 6.24 15.46 9.14
C TRP A 212 5.90 14.12 9.79
N LYS A 213 4.63 13.94 10.19
CA LYS A 213 4.23 12.64 10.72
C LYS A 213 4.39 11.53 9.70
N LEU A 214 4.06 11.82 8.44
CA LEU A 214 4.22 10.81 7.39
C LEU A 214 5.69 10.51 7.13
N ASP A 215 6.56 11.53 7.17
CA ASP A 215 8.01 11.30 7.17
C ASP A 215 8.37 10.28 8.23
N TYR A 216 7.91 10.51 9.46
CA TYR A 216 8.29 9.68 10.59
C TYR A 216 7.87 8.24 10.37
N VAL A 217 6.63 8.03 9.94
CA VAL A 217 6.11 6.68 9.75
C VAL A 217 6.81 6.01 8.57
N LEU A 218 7.08 6.77 7.50
CA LEU A 218 7.84 6.20 6.39
C LEU A 218 9.24 5.79 6.85
N ASN A 219 9.86 6.60 7.71
CA ASN A 219 11.18 6.24 8.25
C ASN A 219 11.10 5.00 9.13
N LEU A 220 10.02 4.84 9.89
CA LEU A 220 9.86 3.64 10.69
C LEU A 220 9.67 2.42 9.80
N ALA A 221 8.86 2.55 8.75
CA ALA A 221 8.74 1.47 7.77
C ALA A 221 10.09 1.12 7.17
N GLU A 222 10.93 2.14 6.90
CA GLU A 222 12.26 1.86 6.38
C GLU A 222 13.07 0.98 7.34
N LYS A 223 13.01 1.29 8.63
CA LYS A 223 13.77 0.52 9.62
C LYS A 223 13.22 -0.89 9.79
N LEU A 224 11.93 -1.08 9.50
CA LEU A 224 11.30 -2.37 9.71
C LEU A 224 11.12 -3.19 8.43
N ASN A 225 11.62 -2.70 7.30
CA ASN A 225 11.42 -3.35 6.01
C ASN A 225 9.94 -3.59 5.71
N MET A 226 9.15 -2.52 5.86
CA MET A 226 7.75 -2.52 5.48
C MET A 226 7.53 -1.55 4.34
N TYR A 227 6.50 -1.81 3.55
CA TYR A 227 6.25 -1.09 2.31
C TYR A 227 4.81 -0.60 2.31
N ILE A 228 4.62 0.67 1.95
CA ILE A 228 3.37 1.37 2.24
C ILE A 228 2.64 1.73 0.95
N MET A 229 1.32 1.53 0.93
CA MET A 229 0.49 2.15 -0.11
C MET A 229 -0.03 3.48 0.43
N PHE A 230 0.24 4.56 -0.30
CA PHE A 230 -0.23 5.90 0.07
C PHE A 230 -1.55 6.15 -0.64
N CYS A 231 -2.64 6.27 0.11
CA CYS A 231 -3.95 6.58 -0.48
C CYS A 231 -4.16 8.09 -0.40
N PHE A 232 -4.17 8.75 -1.57
CA PHE A 232 -4.14 10.21 -1.57
C PHE A 232 -5.45 10.82 -1.11
N ASP A 233 -6.59 10.29 -1.56
CA ASP A 233 -7.89 10.86 -1.27
C ASP A 233 -8.86 9.75 -0.93
N SER A 234 -9.85 10.07 -0.09
CA SER A 234 -10.92 9.11 0.18
C SER A 234 -12.27 9.68 -0.21
N TYR A 235 -13.16 8.76 -0.63
CA TYR A 235 -14.46 9.12 -1.19
C TYR A 235 -15.24 10.11 -0.32
N ASN A 236 -15.03 10.07 1.00
CA ASN A 236 -15.80 10.91 1.91
C ASN A 236 -15.70 12.37 1.51
N GLU A 237 -14.53 12.77 0.99
CA GLU A 237 -14.31 14.16 0.62
C GLU A 237 -15.35 14.67 -0.37
N LEU A 238 -15.89 13.77 -1.18
CA LEU A 238 -16.80 14.15 -2.25
C LEU A 238 -18.19 13.56 -2.05
N ARG A 239 -18.57 13.31 -0.80
CA ARG A 239 -19.87 12.71 -0.47
C ARG A 239 -20.62 13.64 0.48
N TYR A 240 -21.86 13.95 0.13
CA TYR A 240 -22.68 14.87 0.90
C TYR A 240 -23.16 14.23 2.21
N GLN A 241 -23.36 15.09 3.21
CA GLN A 241 -23.83 14.65 4.52
C GLN A 241 -25.10 13.81 4.41
N LYS A 242 -26.05 14.23 3.57
CA LYS A 242 -27.32 13.52 3.51
C LYS A 242 -27.18 12.13 2.88
N GLU A 243 -26.02 11.81 2.29
CA GLU A 243 -25.81 10.51 1.67
C GLU A 243 -25.24 9.49 2.62
N GLY A 244 -24.88 9.89 3.84
CA GLY A 244 -24.35 8.96 4.82
C GLY A 244 -23.00 8.38 4.42
N ALA A 245 -22.68 7.25 5.07
CA ALA A 245 -21.43 6.52 4.85
C ALA A 245 -20.20 7.37 5.17
N TYR A 246 -20.20 7.96 6.36
CA TYR A 246 -19.10 8.79 6.85
C TYR A 246 -18.81 9.94 5.88
N PRO A 247 -19.81 10.73 5.52
CA PRO A 247 -19.60 11.79 4.53
C PRO A 247 -18.78 12.94 5.07
N TYR A 248 -18.19 13.72 4.15
CA TYR A 248 -17.34 14.83 4.57
C TYR A 248 -17.37 16.03 3.64
N TRP A 249 -18.17 16.04 2.57
CA TRP A 249 -18.14 17.18 1.63
C TRP A 249 -18.30 18.51 2.35
N GLU A 250 -19.26 18.60 3.27
CA GLU A 250 -19.52 19.88 3.92
C GLU A 250 -18.33 20.39 4.72
N HIS A 251 -17.37 19.53 5.06
CA HIS A 251 -16.21 19.92 5.85
C HIS A 251 -14.94 19.96 5.03
N THR A 252 -14.97 19.56 3.78
CA THR A 252 -13.73 19.35 3.06
C THR A 252 -13.23 20.67 2.48
N PRO A 253 -11.90 20.88 2.43
CA PRO A 253 -11.38 22.17 1.94
C PRO A 253 -11.65 22.42 0.47
N HIS A 254 -12.03 21.38 -0.29
CA HIS A 254 -12.34 21.55 -1.72
C HIS A 254 -13.55 22.43 -1.94
N TYR A 255 -14.50 22.39 -0.99
CA TYR A 255 -15.79 23.05 -1.13
C TYR A 255 -15.62 24.56 -0.98
N GLU A 256 -16.27 25.31 -1.86
CA GLU A 256 -16.20 26.77 -1.82
C GLU A 256 -16.56 27.33 -0.46
N LYS A 257 -17.50 26.68 0.23
CA LYS A 257 -17.87 27.13 1.58
C LYS A 257 -16.67 27.21 2.49
N ASN A 258 -15.70 26.32 2.30
CA ASN A 258 -14.52 26.21 3.15
C ASN A 258 -13.29 26.81 2.50
N GLY A 259 -13.46 27.62 1.45
CA GLY A 259 -12.38 28.31 0.81
C GLY A 259 -11.87 27.69 -0.48
N GLY A 260 -12.44 26.55 -0.89
CA GLY A 260 -11.96 25.82 -2.02
C GLY A 260 -12.60 26.27 -3.32
N PRO A 261 -12.18 25.67 -4.44
CA PRO A 261 -12.67 26.12 -5.74
C PRO A 261 -13.99 25.51 -6.19
N LEU A 262 -14.52 24.50 -5.50
CA LEU A 262 -15.60 23.68 -6.03
C LEU A 262 -16.96 24.08 -5.47
N LYS A 263 -17.94 24.27 -6.35
CA LYS A 263 -19.30 24.50 -5.91
C LYS A 263 -20.00 23.20 -5.51
N GLU A 264 -19.57 22.08 -6.09
CA GLU A 264 -20.16 20.78 -5.83
C GLU A 264 -19.11 19.73 -6.18
N PRO A 265 -19.20 18.54 -5.60
CA PRO A 265 -18.14 17.54 -5.84
C PRO A 265 -18.00 17.10 -7.29
N LYS A 266 -19.07 17.17 -8.10
CA LYS A 266 -18.94 16.81 -9.50
C LYS A 266 -17.83 17.60 -10.20
N ASP A 267 -17.62 18.84 -9.77
CA ASP A 267 -16.67 19.69 -10.47
C ASP A 267 -15.22 19.30 -10.17
N PHE A 268 -14.99 18.41 -9.23
CA PHE A 268 -13.62 17.99 -8.92
C PHE A 268 -12.89 17.50 -10.17
N TRP A 269 -13.59 16.76 -11.04
CA TRP A 269 -12.96 16.06 -12.15
C TRP A 269 -12.54 16.98 -13.26
N THR A 270 -13.18 18.16 -13.39
CA THR A 270 -12.97 19.03 -14.53
C THR A 270 -12.61 20.47 -14.19
N ASN A 271 -12.75 20.90 -12.95
CA ASN A 271 -12.47 22.29 -12.61
C ASN A 271 -10.98 22.57 -12.79
N ASN A 272 -10.65 23.59 -13.60
CA ASN A 272 -9.26 23.83 -13.96
C ASN A 272 -8.42 24.17 -12.74
N GLU A 273 -8.97 24.96 -11.82
CA GLU A 273 -8.23 25.35 -10.63
C GLU A 273 -7.97 24.14 -9.74
N MET A 274 -8.98 23.27 -9.58
CA MET A 274 -8.79 22.07 -8.77
C MET A 274 -7.75 21.13 -9.38
N ILE A 275 -7.81 20.95 -10.70
CA ILE A 275 -6.84 20.09 -11.37
C ILE A 275 -5.43 20.63 -11.18
N LYS A 276 -5.26 21.95 -11.28
CA LYS A 276 -3.95 22.56 -11.07
C LYS A 276 -3.45 22.28 -9.65
N TYR A 277 -4.30 22.50 -8.64
CA TYR A 277 -3.89 22.25 -7.26
CA TYR A 277 -3.83 22.26 -7.29
C TYR A 277 -3.60 20.78 -7.03
N TYR A 278 -4.40 19.90 -7.64
CA TYR A 278 -4.17 18.47 -7.45
C TYR A 278 -2.81 18.06 -8.03
N LYS A 279 -2.46 18.60 -9.19
CA LYS A 279 -1.13 18.32 -9.74
C LYS A 279 -0.03 18.87 -8.84
N ASN A 280 -0.27 20.03 -8.21
CA ASN A 280 0.69 20.56 -7.24
C ASN A 280 0.84 19.59 -6.07
N LYS A 281 -0.26 18.97 -5.64
CA LYS A 281 -0.19 18.01 -4.55
C LYS A 281 0.60 16.78 -4.96
N LEU A 282 0.34 16.25 -6.16
CA LEU A 282 1.12 15.13 -6.67
C LEU A 282 2.61 15.48 -6.71
N ARG A 283 2.93 16.71 -7.15
CA ARG A 283 4.31 17.14 -7.17
C ARG A 283 4.90 17.18 -5.76
N TYR A 284 4.12 17.67 -4.80
CA TYR A 284 4.59 17.71 -3.42
C TYR A 284 4.83 16.31 -2.87
N ILE A 285 3.95 15.36 -3.20
CA ILE A 285 4.09 14.01 -2.71
C ILE A 285 5.32 13.34 -3.33
N VAL A 286 5.52 13.49 -4.64
CA VAL A 286 6.71 12.96 -5.28
C VAL A 286 7.95 13.59 -4.66
N ALA A 287 7.94 14.91 -4.50
CA ALA A 287 9.08 15.61 -3.94
C ALA A 287 9.45 15.07 -2.56
N ARG A 288 8.45 14.93 -1.70
CA ARG A 288 8.73 14.64 -0.29
C ARG A 288 8.93 13.15 -0.01
N TYR A 289 8.31 12.27 -0.80
CA TYR A 289 8.28 10.84 -0.48
C TYR A 289 8.72 9.94 -1.63
N GLY A 290 8.82 10.46 -2.85
CA GLY A 290 9.09 9.61 -4.00
C GLY A 290 10.42 8.89 -3.93
N TYR A 291 11.41 9.49 -3.25
CA TYR A 291 12.71 8.83 -3.14
C TYR A 291 12.60 7.44 -2.54
N SER A 292 11.59 7.20 -1.72
CA SER A 292 11.61 6.06 -0.81
C SER A 292 11.22 4.76 -1.50
N THR A 293 12.11 3.76 -1.41
CA THR A 293 11.69 2.43 -1.85
C THR A 293 10.63 1.83 -0.94
N ASN A 294 10.37 2.41 0.23
CA ASN A 294 9.33 1.93 1.11
C ASN A 294 7.95 2.45 0.73
N VAL A 295 7.84 3.27 -0.30
CA VAL A 295 6.54 3.55 -0.92
C VAL A 295 6.28 2.44 -1.93
N PHE A 296 5.37 1.53 -1.58
CA PHE A 296 4.96 0.47 -2.49
C PHE A 296 4.15 1.02 -3.66
N ALA A 297 3.20 1.92 -3.39
CA ALA A 297 2.31 2.34 -4.46
C ALA A 297 1.66 3.67 -4.11
N TRP A 298 1.42 4.45 -5.17
CA TRP A 298 0.54 5.61 -5.13
C TRP A 298 -0.88 5.17 -5.44
N GLU A 299 -1.82 5.47 -4.56
CA GLU A 299 -3.23 5.10 -4.76
C GLU A 299 -4.05 6.39 -4.79
N PHE A 300 -4.69 6.68 -5.93
CA PHE A 300 -5.39 7.95 -6.04
C PHE A 300 -6.55 8.04 -5.05
N TRP A 301 -7.42 7.02 -5.06
CA TRP A 301 -8.69 7.08 -4.35
C TRP A 301 -8.95 5.84 -3.51
N ASN A 302 -9.47 6.07 -2.31
CA ASN A 302 -10.23 5.05 -1.59
C ASN A 302 -11.67 5.11 -2.07
N GLN A 303 -12.07 4.14 -2.90
CA GLN A 303 -13.48 3.86 -3.23
C GLN A 303 -14.14 5.03 -3.96
N VAL A 304 -13.56 5.40 -5.11
CA VAL A 304 -14.03 6.58 -5.83
C VAL A 304 -15.45 6.39 -6.36
N ASP A 305 -15.92 5.15 -6.49
CA ASP A 305 -17.27 4.90 -6.97
C ASP A 305 -18.35 5.30 -5.96
N ILE A 306 -18.01 5.48 -4.68
CA ILE A 306 -19.05 5.90 -3.73
C ILE A 306 -18.80 7.32 -3.23
N ILE A 307 -18.19 8.15 -4.05
CA ILE A 307 -18.41 9.58 -3.92
C ILE A 307 -19.91 9.83 -4.15
N SER A 308 -20.36 11.07 -3.95
CA SER A 308 -21.76 11.38 -4.21
C SER A 308 -22.17 10.88 -5.60
N PRO A 309 -23.31 10.22 -5.74
CA PRO A 309 -23.80 9.92 -7.09
C PRO A 309 -24.03 11.17 -7.93
N THR A 310 -24.16 12.36 -7.31
CA THR A 310 -24.22 13.58 -8.11
C THR A 310 -22.88 13.91 -8.75
N ALA A 311 -21.80 13.26 -8.30
CA ALA A 311 -20.45 13.62 -8.73
C ALA A 311 -19.77 12.57 -9.58
N PHE A 312 -20.33 11.36 -9.71
CA PHE A 312 -19.64 10.27 -10.38
C PHE A 312 -20.11 10.22 -11.83
N VAL A 313 -19.26 10.72 -12.73
CA VAL A 313 -19.45 10.64 -14.17
C VAL A 313 -18.34 9.75 -14.69
N ILE A 314 -18.68 8.53 -15.11
CA ILE A 314 -17.67 7.51 -15.37
C ILE A 314 -16.64 8.01 -16.39
N GLY A 315 -17.09 8.66 -17.46
CA GLY A 315 -16.15 9.10 -18.48
C GLY A 315 -15.17 10.14 -17.95
N GLU A 316 -15.64 11.01 -17.05
CA GLU A 316 -14.78 12.04 -16.49
CA GLU A 316 -14.76 12.03 -16.50
C GLU A 316 -13.83 11.46 -15.45
N VAL A 317 -14.32 10.52 -14.63
CA VAL A 317 -13.46 9.89 -13.63
C VAL A 317 -12.39 9.06 -14.34
N LYS A 318 -12.77 8.39 -15.43
CA LYS A 318 -11.80 7.61 -16.21
C LYS A 318 -10.73 8.51 -16.80
N LYS A 319 -11.14 9.59 -17.49
CA LYS A 319 -10.16 10.48 -18.09
C LYS A 319 -9.26 11.10 -17.04
N TRP A 320 -9.82 11.46 -15.89
CA TRP A 320 -9.01 12.04 -14.82
C TRP A 320 -7.96 11.05 -14.34
N HIS A 321 -8.33 9.78 -14.20
CA HIS A 321 -7.34 8.77 -13.81
C HIS A 321 -6.27 8.59 -14.88
N GLU A 322 -6.68 8.57 -16.15
CA GLU A 322 -5.70 8.46 -17.22
C GLU A 322 -4.73 9.63 -17.19
N ASP A 323 -5.27 10.86 -17.08
CA ASP A 323 -4.42 12.04 -17.15
C ASP A 323 -3.52 12.15 -15.93
N MET A 324 -4.06 11.85 -14.74
CA MET A 324 -3.25 11.99 -13.52
C MET A 324 -2.21 10.89 -13.41
N ALA A 325 -2.54 9.67 -13.84
CA ALA A 325 -1.53 8.62 -13.86
C ALA A 325 -0.40 8.98 -14.81
N LYS A 326 -0.74 9.57 -15.96
CA LYS A 326 0.29 9.98 -16.90
C LYS A 326 1.15 11.09 -16.30
N TYR A 327 0.51 12.09 -15.67
CA TYR A 327 1.26 13.18 -15.06
C TYR A 327 2.15 12.68 -13.94
N LEU A 328 1.58 11.90 -13.01
CA LEU A 328 2.33 11.40 -11.87
C LEU A 328 3.53 10.57 -12.32
N ASN A 329 3.30 9.65 -13.25
CA ASN A 329 4.41 8.85 -13.78
CA ASN A 329 4.40 8.85 -13.82
C ASN A 329 5.48 9.74 -14.39
N SER A 330 5.08 10.81 -15.09
CA SER A 330 6.05 11.65 -15.78
C SER A 330 6.91 12.45 -14.81
N ILE A 331 6.38 12.88 -13.66
CA ILE A 331 7.19 13.66 -12.75
C ILE A 331 7.86 12.83 -11.67
N ASP A 332 7.50 11.55 -11.54
CA ASP A 332 8.09 10.67 -10.53
C ASP A 332 9.38 10.05 -11.07
N PRO A 333 10.55 10.53 -10.63
CA PRO A 333 11.82 9.96 -11.15
C PRO A 333 11.94 8.46 -10.98
N TRP A 334 11.24 7.87 -10.01
CA TRP A 334 11.39 6.46 -9.69
C TRP A 334 10.22 5.61 -10.15
N LYS A 335 9.19 6.21 -10.73
CA LYS A 335 8.13 5.47 -11.42
C LYS A 335 7.45 4.44 -10.52
N HIS A 336 7.02 4.87 -9.33
CA HIS A 336 6.29 3.97 -8.44
C HIS A 336 5.00 3.45 -9.08
N LEU A 337 4.58 2.27 -8.64
CA LEU A 337 3.27 1.73 -9.02
C LEU A 337 2.14 2.70 -8.69
N ILE A 338 1.12 2.70 -9.54
CA ILE A 338 -0.05 3.55 -9.38
C ILE A 338 -1.32 2.67 -9.42
N THR A 339 -2.28 2.95 -8.55
CA THR A 339 -3.53 2.21 -8.53
C THR A 339 -4.67 3.11 -8.05
N THR A 340 -5.87 2.54 -7.95
CA THR A 340 -7.05 3.21 -7.40
C THR A 340 -7.98 2.11 -6.92
N SER A 341 -9.01 2.48 -6.15
CA SER A 341 -9.89 1.44 -5.61
C SER A 341 -11.35 1.82 -5.66
N PHE A 342 -12.19 0.80 -5.49
CA PHE A 342 -13.63 0.89 -5.55
C PHE A 342 -14.24 0.14 -4.38
N ALA A 343 -15.38 0.64 -3.91
CA ALA A 343 -16.13 -0.09 -2.89
C ALA A 343 -16.86 -1.29 -3.50
N PHE A 344 -17.43 -1.11 -4.68
CA PHE A 344 -18.06 -2.20 -5.42
C PHE A 344 -17.03 -3.29 -5.67
N SER A 345 -17.28 -4.49 -5.14
CA SER A 345 -16.22 -5.51 -5.14
C SER A 345 -15.75 -5.88 -6.54
N PRO A 346 -16.61 -6.04 -7.55
CA PRO A 346 -16.11 -6.32 -8.91
C PRO A 346 -15.37 -5.15 -9.56
N GLY A 347 -15.38 -3.96 -8.96
CA GLY A 347 -14.66 -2.83 -9.53
C GLY A 347 -15.37 -2.24 -10.74
N LYS A 348 -14.62 -1.38 -11.44
CA LYS A 348 -15.13 -0.67 -12.62
C LYS A 348 -14.21 -0.93 -13.80
N PRO A 349 -14.53 -1.88 -14.68
CA PRO A 349 -13.60 -2.24 -15.76
C PRO A 349 -13.12 -1.07 -16.60
N GLU A 350 -13.96 -0.05 -16.77
CA GLU A 350 -13.62 1.14 -17.55
CA GLU A 350 -13.57 1.10 -17.58
C GLU A 350 -12.37 1.83 -16.99
N ILE A 351 -12.21 1.79 -15.67
CA ILE A 351 -11.06 2.39 -15.01
C ILE A 351 -9.97 1.36 -14.73
N ASP A 352 -10.36 0.17 -14.28
CA ASP A 352 -9.36 -0.84 -13.95
C ASP A 352 -8.50 -1.23 -15.16
N SER A 353 -9.03 -1.10 -16.37
CA SER A 353 -8.28 -1.51 -17.54
C SER A 353 -7.34 -0.43 -18.07
N ILE A 354 -7.29 0.74 -17.42
CA ILE A 354 -6.38 1.82 -17.82
C ILE A 354 -4.94 1.34 -17.66
N SER A 355 -4.13 1.53 -18.71
CA SER A 355 -2.76 1.02 -18.65
C SER A 355 -1.92 1.74 -17.60
N GLY A 356 -2.23 3.01 -17.32
CA GLY A 356 -1.48 3.74 -16.31
C GLY A 356 -1.71 3.28 -14.88
N LEU A 357 -2.74 2.48 -14.64
CA LEU A 357 -2.93 1.84 -13.34
C LEU A 357 -2.23 0.49 -13.39
N ASN A 358 -1.16 0.34 -12.61
CA ASN A 358 -0.30 -0.83 -12.76
C ASN A 358 -0.87 -2.09 -12.12
N PHE A 359 -1.83 -1.97 -11.20
CA PHE A 359 -2.46 -3.15 -10.63
C PHE A 359 -3.88 -2.81 -10.20
N VAL A 360 -4.70 -3.84 -10.03
CA VAL A 360 -6.11 -3.66 -9.67
C VAL A 360 -6.32 -4.12 -8.23
N GLN A 361 -7.45 -3.67 -7.66
CA GLN A 361 -7.77 -4.00 -6.28
C GLN A 361 -9.20 -4.50 -6.14
N THR A 362 -9.45 -5.14 -5.00
CA THR A 362 -10.79 -5.48 -4.55
C THR A 362 -10.95 -5.03 -3.10
N HIS A 363 -12.08 -4.40 -2.81
CA HIS A 363 -12.58 -4.24 -1.45
C HIS A 363 -13.80 -5.14 -1.30
N ILE A 364 -13.86 -5.90 -0.21
CA ILE A 364 -15.05 -6.70 0.01
C ILE A 364 -15.35 -6.85 1.49
N TYR A 365 -16.58 -6.52 1.88
CA TYR A 365 -17.10 -6.72 3.22
C TYR A 365 -18.34 -7.58 3.05
N LYS A 366 -18.20 -8.87 3.32
CA LYS A 366 -19.27 -9.83 3.07
C LYS A 366 -19.26 -10.86 4.18
N SER A 367 -20.43 -11.17 4.73
CA SER A 367 -20.45 -12.05 5.89
C SER A 367 -20.72 -13.50 5.53
N ASN A 368 -21.34 -13.78 4.39
CA ASN A 368 -21.79 -15.13 4.04
CA ASN A 368 -21.76 -15.13 4.06
C ASN A 368 -20.97 -15.66 2.87
N ARG A 369 -20.31 -16.81 3.07
CA ARG A 369 -19.59 -17.51 1.99
C ARG A 369 -18.55 -16.61 1.35
N TYR A 370 -17.85 -15.82 2.17
CA TYR A 370 -16.86 -14.91 1.60
C TYR A 370 -15.64 -15.64 1.03
N ILE A 371 -15.38 -16.88 1.44
CA ILE A 371 -14.30 -17.63 0.81
C ILE A 371 -14.60 -17.83 -0.67
N ASP A 372 -15.83 -18.25 -0.99
CA ASP A 372 -16.20 -18.43 -2.38
C ASP A 372 -16.19 -17.10 -3.12
N ALA A 373 -16.60 -16.03 -2.45
CA ALA A 373 -16.61 -14.72 -3.09
C ALA A 373 -15.20 -14.27 -3.45
N LEU A 374 -14.25 -14.48 -2.54
CA LEU A 374 -12.87 -14.12 -2.84
C LEU A 374 -12.33 -14.91 -4.01
N LEU A 375 -12.56 -16.23 -4.01
CA LEU A 375 -12.09 -17.05 -5.12
C LEU A 375 -12.68 -16.58 -6.44
N SER A 376 -13.97 -16.25 -6.44
CA SER A 376 -14.63 -15.82 -7.68
C SER A 376 -14.09 -14.49 -8.17
N LEU A 377 -13.85 -13.54 -7.26
CA LEU A 377 -13.32 -12.25 -7.68
C LEU A 377 -11.89 -12.35 -8.17
N ILE A 378 -11.10 -13.23 -7.55
CA ILE A 378 -9.71 -13.39 -7.98
C ILE A 378 -9.66 -14.03 -9.36
N ALA A 379 -10.52 -15.03 -9.60
CA ALA A 379 -10.57 -15.62 -10.94
C ALA A 379 -11.03 -14.58 -11.96
N TYR A 380 -12.02 -13.77 -11.60
CA TYR A 380 -12.57 -12.78 -12.51
C TYR A 380 -11.51 -11.76 -12.93
N LYS A 381 -10.77 -11.21 -11.96
CA LYS A 381 -9.90 -10.10 -12.29
C LYS A 381 -8.58 -10.53 -12.91
N GLU A 382 -8.36 -11.83 -13.12
CA GLU A 382 -7.27 -12.28 -13.95
C GLU A 382 -7.35 -11.71 -15.37
N LYS A 383 -8.54 -11.27 -15.79
CA LYS A 383 -8.68 -10.73 -17.13
C LYS A 383 -7.82 -9.50 -17.37
N TYR A 384 -7.43 -8.78 -16.31
CA TYR A 384 -6.66 -7.55 -16.51
C TYR A 384 -5.17 -7.79 -16.77
N ARG A 385 -4.67 -9.00 -16.52
CA ARG A 385 -3.27 -9.33 -16.81
C ARG A 385 -2.32 -8.40 -16.06
N LYS A 386 -2.67 -8.08 -14.82
CA LYS A 386 -1.78 -7.35 -13.93
C LYS A 386 -2.12 -7.77 -12.50
N PRO A 387 -1.27 -7.42 -11.52
CA PRO A 387 -1.50 -7.95 -10.17
C PRO A 387 -2.81 -7.47 -9.57
N HIS A 388 -3.30 -8.27 -8.62
CA HIS A 388 -4.57 -8.05 -7.94
C HIS A 388 -4.32 -8.05 -6.44
N LEU A 389 -4.59 -6.93 -5.79
CA LEU A 389 -4.49 -6.82 -4.34
C LEU A 389 -5.88 -6.70 -3.75
N VAL A 390 -6.21 -7.61 -2.84
CA VAL A 390 -7.46 -7.46 -2.09
C VAL A 390 -7.19 -6.47 -0.98
N GLY A 391 -7.35 -5.19 -1.31
CA GLY A 391 -6.85 -4.12 -0.44
C GLY A 391 -7.67 -3.85 0.79
N GLU A 392 -8.94 -4.28 0.83
CA GLU A 392 -9.74 -4.19 2.04
C GLU A 392 -10.61 -5.43 2.16
N PHE A 393 -10.71 -5.95 3.38
CA PHE A 393 -11.53 -7.12 3.65
C PHE A 393 -12.10 -7.07 5.06
N GLY A 394 -13.36 -7.47 5.20
CA GLY A 394 -13.94 -7.65 6.52
C GLY A 394 -15.26 -8.40 6.38
N LEU A 395 -15.84 -8.74 7.53
CA LEU A 395 -17.17 -9.34 7.52
C LEU A 395 -18.25 -8.34 7.15
N ASP A 396 -18.09 -7.09 7.58
CA ASP A 396 -19.23 -6.20 7.71
C ASP A 396 -18.71 -4.77 7.77
N ALA A 397 -19.14 -3.93 6.84
CA ALA A 397 -18.74 -2.52 6.89
C ALA A 397 -19.13 -1.87 8.21
N GLY A 398 -20.18 -2.39 8.87
CA GLY A 398 -20.63 -1.90 10.14
C GLY A 398 -19.82 -2.32 11.35
N GLY A 399 -18.79 -3.13 11.18
CA GLY A 399 -17.89 -3.46 12.27
C GLY A 399 -18.30 -4.60 13.16
N ASN A 400 -19.23 -5.46 12.72
CA ASN A 400 -19.62 -6.61 13.54
C ASN A 400 -18.44 -7.50 13.90
N ASP A 401 -17.40 -7.51 13.06
CA ASP A 401 -16.19 -8.31 13.25
C ASP A 401 -15.68 -8.22 14.68
N LEU A 402 -15.73 -7.01 15.24
CA LEU A 402 -15.08 -6.75 16.53
C LEU A 402 -15.67 -7.60 17.63
N TRP A 403 -16.97 -7.85 17.60
CA TRP A 403 -17.55 -8.65 18.67
C TRP A 403 -17.98 -10.04 18.25
N VAL A 404 -18.21 -10.29 16.96
CA VAL A 404 -18.56 -11.65 16.56
C VAL A 404 -17.34 -12.53 16.37
N ASP A 405 -16.16 -11.98 16.09
CA ASP A 405 -14.98 -12.76 15.76
C ASP A 405 -13.75 -12.23 16.50
N PRO A 406 -13.75 -12.32 17.84
CA PRO A 406 -12.58 -11.84 18.59
C PRO A 406 -11.29 -12.59 18.28
N ASN A 407 -11.37 -13.84 17.80
CA ASN A 407 -10.18 -14.62 17.53
C ASN A 407 -9.59 -14.39 16.15
N GLY A 408 -10.25 -13.60 15.31
CA GLY A 408 -9.74 -13.32 13.98
C GLY A 408 -9.86 -14.44 12.97
N TYR A 409 -10.84 -15.34 13.13
CA TYR A 409 -11.01 -16.41 12.15
C TYR A 409 -11.36 -15.85 10.77
N VAL A 410 -12.09 -14.74 10.72
CA VAL A 410 -12.45 -14.14 9.45
C VAL A 410 -11.19 -13.68 8.70
N ILE A 411 -10.31 -12.97 9.41
CA ILE A 411 -9.04 -12.57 8.83
C ILE A 411 -8.26 -13.80 8.38
N HIS A 412 -8.17 -14.78 9.27
CA HIS A 412 -7.50 -16.05 8.98
C HIS A 412 -7.98 -16.65 7.67
N ASN A 413 -9.30 -16.88 7.57
CA ASN A 413 -9.87 -17.46 6.35
C ASN A 413 -9.49 -16.64 5.13
N ALA A 414 -9.56 -15.32 5.23
CA ALA A 414 -9.33 -14.49 4.06
C ALA A 414 -7.87 -14.51 3.63
N ILE A 415 -6.92 -14.49 4.57
CA ILE A 415 -5.53 -14.39 4.12
C ILE A 415 -5.07 -15.71 3.49
N TRP A 416 -5.56 -16.85 3.98
CA TRP A 416 -5.21 -18.12 3.36
C TRP A 416 -5.89 -18.27 2.01
N THR A 417 -7.17 -17.91 1.92
CA THR A 417 -7.90 -17.98 0.66
C THR A 417 -7.23 -17.14 -0.41
N THR A 418 -6.87 -15.89 -0.08
CA THR A 418 -6.38 -15.01 -1.10
C THR A 418 -5.01 -15.45 -1.62
N ILE A 419 -4.10 -15.84 -0.73
CA ILE A 419 -2.78 -16.28 -1.15
C ILE A 419 -2.85 -17.54 -1.99
N LEU A 420 -3.67 -18.50 -1.59
CA LEU A 420 -3.69 -19.77 -2.31
C LEU A 420 -4.71 -19.78 -3.43
N SER A 421 -5.28 -18.62 -3.75
CA SER A 421 -6.14 -18.45 -4.94
C SER A 421 -5.42 -17.72 -6.06
N GLY A 422 -4.23 -17.20 -5.82
CA GLY A 422 -3.47 -16.54 -6.85
C GLY A 422 -3.39 -15.04 -6.75
N ALA A 423 -3.93 -14.43 -5.69
CA ALA A 423 -3.81 -12.98 -5.51
C ALA A 423 -2.35 -12.63 -5.21
N SER A 424 -2.02 -11.34 -5.40
CA SER A 424 -0.64 -10.91 -5.24
C SER A 424 -0.13 -10.94 -3.81
N GLY A 425 -1.03 -11.02 -2.83
CA GLY A 425 -0.66 -11.04 -1.45
C GLY A 425 -1.89 -11.31 -0.59
N THR A 426 -1.75 -11.08 0.71
CA THR A 426 -2.89 -11.36 1.59
C THR A 426 -4.03 -10.37 1.39
N ALA A 427 -5.25 -10.85 1.63
CA ALA A 427 -6.35 -9.93 1.90
C ALA A 427 -5.96 -9.00 3.03
N MET A 428 -6.25 -7.70 2.89
CA MET A 428 -5.79 -6.70 3.83
C MET A 428 -6.95 -6.27 4.75
N SER A 429 -6.88 -6.68 6.01
CA SER A 429 -7.96 -6.47 6.96
C SER A 429 -8.14 -5.00 7.32
N TRP A 430 -9.38 -4.64 7.69
CA TRP A 430 -9.64 -3.38 8.36
C TRP A 430 -9.39 -3.57 9.85
N TRP A 431 -9.73 -2.57 10.67
CA TRP A 431 -9.84 -2.74 12.13
C TRP A 431 -8.47 -2.99 12.78
N TRP A 432 -7.43 -2.29 12.30
CA TRP A 432 -6.10 -2.48 12.87
C TRP A 432 -6.06 -2.05 14.33
N ASP A 433 -6.77 -0.97 14.65
CA ASP A 433 -6.61 -0.31 15.94
C ASP A 433 -7.54 -0.86 17.00
N ASN A 434 -8.74 -1.28 16.61
CA ASN A 434 -9.75 -1.72 17.56
C ASN A 434 -9.98 -3.23 17.52
N HIS A 435 -9.16 -3.96 16.77
CA HIS A 435 -9.40 -5.39 16.61
C HIS A 435 -8.07 -6.14 16.50
N ILE A 436 -7.28 -5.87 15.44
CA ILE A 436 -6.04 -6.63 15.24
C ILE A 436 -5.10 -6.43 16.42
N HIS A 437 -4.86 -5.17 16.79
CA HIS A 437 -3.87 -4.95 17.87
C HIS A 437 -4.39 -5.38 19.23
N PRO A 438 -5.53 -4.89 19.73
CA PRO A 438 -5.93 -5.27 21.10
C PRO A 438 -6.19 -6.75 21.27
N ASN A 439 -6.66 -7.43 20.23
CA ASN A 439 -6.88 -8.87 20.32
C ASN A 439 -5.64 -9.68 19.98
N ASN A 440 -4.53 -9.02 19.63
CA ASN A 440 -3.25 -9.68 19.37
C ASN A 440 -3.39 -10.75 18.29
N LEU A 441 -3.93 -10.33 17.14
CA LEU A 441 -4.24 -11.26 16.06
C LEU A 441 -3.08 -11.46 15.10
N TYR A 442 -1.90 -10.90 15.41
CA TYR A 442 -0.78 -10.92 14.48
C TYR A 442 -0.30 -12.34 14.20
N PHE A 443 -0.53 -13.27 15.13
CA PHE A 443 -0.05 -14.64 14.94
C PHE A 443 -0.61 -15.27 13.68
N HIS A 444 -1.81 -14.86 13.24
CA HIS A 444 -2.34 -15.39 11.99
C HIS A 444 -1.39 -15.09 10.83
N TYR A 445 -0.87 -13.86 10.79
CA TYR A 445 0.05 -13.48 9.71
C TYR A 445 1.36 -14.23 9.84
N ARG A 446 1.83 -14.44 11.07
CA ARG A 446 3.10 -15.12 11.27
C ARG A 446 3.02 -16.54 10.74
N ALA A 447 1.90 -17.22 10.99
CA ALA A 447 1.74 -18.59 10.50
C ALA A 447 1.71 -18.63 8.97
N LEU A 448 0.99 -17.69 8.35
CA LEU A 448 0.94 -17.68 6.90
C LEU A 448 2.29 -17.31 6.30
N ALA A 449 2.95 -16.30 6.87
CA ALA A 449 4.26 -15.89 6.35
C ALA A 449 5.25 -17.04 6.42
N ASP A 450 5.23 -17.80 7.50
CA ASP A 450 6.19 -18.90 7.63
C ASP A 450 5.87 -20.05 6.69
N PHE A 451 4.62 -20.16 6.24
CA PHE A 451 4.26 -21.21 5.28
C PHE A 451 4.74 -20.87 3.88
N VAL A 452 4.66 -19.58 3.50
CA VAL A 452 4.97 -19.18 2.12
C VAL A 452 6.37 -18.63 1.94
N LYS A 453 7.13 -18.43 3.02
CA LYS A 453 8.37 -17.63 2.94
C LYS A 453 9.34 -18.23 1.93
N ASP A 454 9.46 -19.56 1.89
CA ASP A 454 10.45 -20.27 1.08
C ASP A 454 10.01 -20.45 -0.37
N ILE A 455 8.76 -20.11 -0.71
CA ILE A 455 8.19 -20.38 -2.02
C ILE A 455 8.48 -19.21 -2.94
N ASN A 456 9.02 -19.48 -4.13
CA ASN A 456 9.24 -18.42 -5.12
C ASN A 456 8.06 -18.43 -6.07
N PHE A 457 7.07 -17.59 -5.76
CA PHE A 457 5.88 -17.47 -6.60
C PHE A 457 6.22 -17.00 -8.01
N LEU A 458 7.37 -16.36 -8.21
CA LEU A 458 7.69 -15.87 -9.54
C LEU A 458 8.16 -16.97 -10.47
N GLU A 459 8.57 -18.12 -9.92
CA GLU A 459 9.08 -19.20 -10.73
C GLU A 459 8.19 -20.43 -10.75
N GLU A 460 7.20 -20.52 -9.85
CA GLU A 460 6.39 -21.72 -9.75
C GLU A 460 5.37 -21.88 -10.87
N LYS A 461 4.97 -20.79 -11.52
CA LYS A 461 3.91 -20.82 -12.54
C LYS A 461 2.63 -21.45 -11.97
N PHE A 462 2.25 -21.00 -10.77
CA PHE A 462 1.10 -21.58 -10.09
C PHE A 462 -0.18 -21.41 -10.91
N GLU A 463 -0.99 -22.46 -10.92
CA GLU A 463 -2.38 -22.40 -11.39
C GLU A 463 -3.30 -22.88 -10.28
N ARG A 464 -4.52 -22.34 -10.26
CA ARG A 464 -5.51 -22.80 -9.30
C ARG A 464 -5.73 -24.31 -9.46
N LEU A 465 -5.78 -25.02 -8.34
CA LEU A 465 -5.92 -26.47 -8.35
C LEU A 465 -7.21 -26.85 -9.06
N THR A 466 -7.12 -27.84 -9.95
CA THR A 466 -8.20 -28.08 -10.89
C THR A 466 -8.73 -29.51 -10.89
N ASN A 467 -7.84 -30.51 -10.87
CA ASN A 467 -8.25 -31.89 -11.12
C ASN A 467 -8.08 -32.77 -9.90
N TYR A 468 -8.75 -32.43 -8.80
CA TYR A 468 -8.64 -33.19 -7.57
C TYR A 468 -9.92 -33.98 -7.32
N LYS A 469 -9.77 -35.06 -6.55
CA LYS A 469 -10.89 -35.88 -6.12
C LYS A 469 -10.81 -36.03 -4.60
N PHE A 470 -11.78 -35.43 -3.91
CA PHE A 470 -11.92 -35.63 -2.47
C PHE A 470 -12.54 -36.99 -2.19
N ASN A 471 -11.98 -37.70 -1.22
CA ASN A 471 -12.59 -38.90 -0.66
C ASN A 471 -12.68 -38.71 0.85
N VAL A 472 -13.73 -38.01 1.27
CA VAL A 472 -13.97 -37.70 2.67
C VAL A 472 -15.43 -38.01 2.98
N TYR A 473 -15.66 -38.95 3.89
CA TYR A 473 -16.99 -39.38 4.29
C TYR A 473 -17.47 -38.68 5.54
N ASN A 474 -16.57 -38.50 6.50
CA ASN A 474 -16.83 -37.82 7.76
C ASN A 474 -17.54 -36.48 7.54
N ARG A 475 -16.93 -35.60 6.76
CA ARG A 475 -17.24 -34.17 6.81
C ARG A 475 -17.44 -33.61 5.41
N GLU A 476 -17.71 -32.30 5.35
CA GLU A 476 -17.73 -31.55 4.12
C GLU A 476 -16.50 -30.66 4.12
N ILE A 477 -15.42 -31.18 3.54
CA ILE A 477 -14.17 -30.46 3.43
C ILE A 477 -14.09 -29.86 2.04
N LYS A 478 -13.62 -28.61 1.96
CA LYS A 478 -13.35 -27.94 0.70
C LYS A 478 -11.88 -27.58 0.64
N VAL A 479 -11.39 -27.29 -0.55
CA VAL A 479 -9.97 -27.00 -0.76
C VAL A 479 -9.82 -25.77 -1.62
N ILE A 480 -8.87 -24.92 -1.24
CA ILE A 480 -8.33 -23.85 -2.08
C ILE A 480 -6.87 -24.18 -2.29
N GLY A 481 -6.45 -24.28 -3.54
CA GLY A 481 -5.10 -24.75 -3.81
C GLY A 481 -4.45 -24.15 -5.03
N LEU A 482 -3.12 -24.26 -5.07
CA LEU A 482 -2.29 -23.86 -6.19
C LEU A 482 -1.44 -25.04 -6.60
N GLN A 483 -1.30 -25.23 -7.91
CA GLN A 483 -0.46 -26.27 -8.48
C GLN A 483 0.63 -25.62 -9.31
N GLY A 484 1.89 -25.81 -8.91
CA GLY A 484 3.02 -25.21 -9.58
C GLY A 484 3.99 -26.25 -10.13
N LYS A 485 5.06 -25.74 -10.74
CA LYS A 485 6.09 -26.60 -11.31
C LYS A 485 6.67 -27.57 -10.29
N LYS A 486 6.89 -27.11 -9.07
CA LYS A 486 7.56 -27.90 -8.05
C LYS A 486 6.80 -28.03 -6.74
N TYR A 487 5.82 -27.18 -6.48
CA TYR A 487 5.03 -27.28 -5.25
C TYR A 487 3.55 -27.34 -5.58
N ILE A 488 2.80 -28.03 -4.73
CA ILE A 488 1.35 -27.89 -4.65
C ILE A 488 1.03 -27.39 -3.25
N LEU A 489 0.25 -26.31 -3.17
CA LEU A 489 -0.09 -25.70 -1.90
C LEU A 489 -1.59 -25.81 -1.71
N LEU A 490 -2.01 -26.44 -0.60
CA LEU A 490 -3.42 -26.66 -0.32
C LEU A 490 -3.82 -25.98 0.98
N TRP A 491 -4.99 -25.35 0.98
CA TRP A 491 -5.66 -24.94 2.20
C TRP A 491 -7.00 -25.65 2.23
N LEU A 492 -7.17 -26.55 3.20
CA LEU A 492 -8.40 -27.32 3.38
C LEU A 492 -9.19 -26.71 4.52
N TYR A 493 -10.50 -26.61 4.36
CA TYR A 493 -11.30 -26.09 5.45
C TYR A 493 -12.59 -26.88 5.58
N ASN A 494 -13.07 -26.95 6.82
CA ASN A 494 -14.35 -27.56 7.11
C ASN A 494 -15.45 -26.54 6.86
N ALA A 495 -16.29 -26.79 5.85
CA ALA A 495 -17.32 -25.83 5.49
C ALA A 495 -18.32 -25.60 6.63
N LYS A 496 -18.41 -26.52 7.58
CA LYS A 496 -19.35 -26.40 8.69
C LYS A 496 -18.71 -25.81 9.94
N GLU A 497 -17.41 -25.53 9.92
CA GLU A 497 -16.73 -24.94 11.05
C GLU A 497 -16.06 -23.62 10.73
N ALA A 498 -15.64 -23.42 9.48
CA ALA A 498 -14.85 -22.25 9.13
C ALA A 498 -15.59 -20.95 9.36
N TYR A 499 -16.92 -20.97 9.29
CA TYR A 499 -17.72 -19.76 9.43
C TYR A 499 -18.37 -19.63 10.81
N GLN A 500 -17.94 -20.42 11.79
CA GLN A 500 -18.39 -20.28 13.16
C GLN A 500 -17.23 -19.78 14.01
N TYR A 501 -17.48 -18.75 14.82
CA TYR A 501 -16.39 -17.99 15.43
C TYR A 501 -16.41 -18.05 16.96
N LYS A 502 -17.23 -18.92 17.56
CA LYS A 502 -17.35 -18.96 19.01
C LYS A 502 -16.25 -19.78 19.68
N LYS A 503 -15.73 -20.80 19.01
CA LYS A 503 -14.83 -21.73 19.68
C LYS A 503 -13.44 -21.12 19.87
N ASP A 504 -12.71 -21.69 20.82
CA ASP A 504 -11.34 -21.26 21.06
C ASP A 504 -10.45 -21.66 19.91
N ILE A 505 -9.31 -20.98 19.80
CA ILE A 505 -8.29 -21.28 18.80
C ILE A 505 -7.98 -22.77 18.84
N PRO A 506 -8.05 -23.48 17.71
CA PRO A 506 -7.74 -24.92 17.71
C PRO A 506 -6.39 -25.18 18.35
N ASN A 507 -6.38 -26.13 19.29
CA ASN A 507 -5.16 -26.52 19.99
C ASN A 507 -4.97 -28.03 19.84
N MET A 508 -4.90 -28.47 18.58
CA MET A 508 -4.77 -29.89 18.26
C MET A 508 -3.33 -30.35 18.40
N SER A 510 -3.22 -33.14 16.06
CA SER A 510 -3.65 -34.47 16.50
C SER A 510 -3.69 -35.43 15.31
N SER A 511 -3.83 -36.71 15.61
CA SER A 511 -3.23 -37.78 14.81
C SER A 511 -4.09 -38.29 13.65
N LYS A 512 -5.37 -38.56 13.89
CA LYS A 512 -6.11 -39.58 13.16
C LYS A 512 -6.23 -39.26 11.67
N PHE A 513 -6.46 -40.33 10.90
CA PHE A 513 -6.77 -40.22 9.49
C PHE A 513 -8.22 -39.77 9.31
N LEU A 514 -8.42 -38.77 8.44
CA LEU A 514 -9.76 -38.27 8.14
C LEU A 514 -10.26 -38.72 6.78
N GLY A 515 -9.45 -38.52 5.75
CA GLY A 515 -9.88 -38.74 4.39
C GLY A 515 -8.68 -38.61 3.49
N SER A 516 -8.94 -38.37 2.21
CA SER A 516 -7.83 -38.27 1.26
C SER A 516 -8.19 -37.35 0.11
N ILE A 517 -7.16 -36.89 -0.58
CA ILE A 517 -7.30 -36.14 -1.82
C ILE A 517 -6.24 -36.68 -2.78
N GLU A 518 -6.65 -36.96 -4.02
CA GLU A 518 -5.73 -37.43 -5.04
C GLU A 518 -5.59 -36.36 -6.12
N LEU A 519 -4.36 -36.14 -6.58
CA LEU A 519 -4.04 -35.03 -7.48
C LEU A 519 -3.46 -35.53 -8.79
N LEU A 520 -3.64 -34.70 -9.83
CA LEU A 520 -3.08 -34.93 -11.15
C LEU A 520 -1.58 -34.58 -11.14
N ILE A 521 -0.79 -35.47 -10.53
CA ILE A 521 0.65 -35.29 -10.38
C ILE A 521 1.36 -36.63 -10.45
N LYS A 522 2.70 -36.57 -10.46
CA LYS A 522 3.55 -37.74 -10.62
C LYS A 522 4.47 -37.88 -9.41
N PRO A 523 4.47 -39.01 -8.73
CA PRO A 523 5.31 -39.19 -7.53
C PRO A 523 6.75 -39.48 -7.92
N PRO A 524 7.69 -39.55 -6.95
CA PRO A 524 7.53 -39.42 -5.49
C PRO A 524 7.29 -37.98 -5.07
N ILE A 525 6.69 -37.79 -3.88
CA ILE A 525 6.40 -36.48 -3.36
C ILE A 525 6.66 -36.47 -1.86
N LYS A 526 6.96 -35.30 -1.32
CA LYS A 526 7.04 -35.08 0.11
C LYS A 526 5.87 -34.20 0.53
N VAL A 527 5.15 -34.62 1.56
CA VAL A 527 3.94 -33.95 2.00
C VAL A 527 4.19 -33.39 3.39
N ILE A 528 3.98 -32.08 3.54
CA ILE A 528 4.12 -31.40 4.81
C ILE A 528 2.75 -30.92 5.27
N TYR A 529 2.36 -31.32 6.48
CA TYR A 529 1.12 -30.88 7.09
C TYR A 529 1.42 -29.74 8.05
N TYR A 530 0.66 -28.66 7.94
CA TYR A 530 1.03 -27.39 8.56
C TYR A 530 -0.13 -26.87 9.38
N ASP A 531 0.11 -26.64 10.67
CA ASP A 531 -0.87 -26.06 11.57
C ASP A 531 -0.93 -24.56 11.30
N THR A 532 -2.07 -24.09 10.79
CA THR A 532 -2.24 -22.69 10.39
C THR A 532 -2.47 -21.75 11.56
N TYR A 533 -2.65 -22.26 12.78
CA TYR A 533 -2.80 -21.41 13.95
C TYR A 533 -1.53 -21.32 14.77
N ARG A 534 -0.81 -22.43 14.96
CA ARG A 534 0.47 -22.37 15.63
C ARG A 534 1.62 -22.03 14.69
N GLY A 535 1.41 -22.15 13.38
CA GLY A 535 2.43 -21.85 12.41
C GLY A 535 3.60 -22.81 12.50
N GLU A 536 3.29 -24.11 12.47
CA GLU A 536 4.26 -25.18 12.66
C GLU A 536 3.93 -26.35 11.75
N LYS A 537 4.98 -27.06 11.33
CA LYS A 537 4.79 -28.37 10.73
C LYS A 537 4.23 -29.34 11.76
N ILE A 538 3.20 -30.07 11.39
CA ILE A 538 2.63 -31.11 12.24
C ILE A 538 3.25 -32.46 11.96
N LYS A 539 3.56 -32.72 10.70
CA LYS A 539 3.86 -34.06 10.22
C LYS A 539 4.42 -33.94 8.82
N GLU A 540 5.36 -34.82 8.49
CA GLU A 540 5.88 -34.94 7.14
C GLU A 540 5.76 -36.37 6.68
N LEU A 541 5.56 -36.56 5.38
CA LEU A 541 5.22 -37.86 4.85
C LEU A 541 5.79 -37.98 3.45
N ASP A 542 6.63 -39.00 3.23
CA ASP A 542 7.09 -39.36 1.90
C ASP A 542 6.09 -40.32 1.28
N LEU A 543 5.63 -40.01 0.07
CA LEU A 543 4.60 -40.78 -0.61
C LEU A 543 5.11 -41.32 -1.93
N ASP A 544 4.70 -42.55 -2.24
CA ASP A 544 5.03 -43.22 -3.50
C ASP A 544 3.90 -43.17 -4.52
N LYS A 545 2.75 -42.58 -4.19
CA LYS A 545 1.65 -42.49 -5.13
C LYS A 545 0.90 -41.17 -4.89
N ASN A 546 -0.16 -40.97 -5.67
CA ASN A 546 -0.79 -39.67 -5.84
C ASN A 546 -2.03 -39.46 -4.95
N VAL A 547 -2.17 -40.24 -3.89
CA VAL A 547 -3.32 -40.10 -2.98
C VAL A 547 -2.79 -39.59 -1.65
N ILE A 548 -3.19 -38.38 -1.29
CA ILE A 548 -2.66 -37.66 -0.14
C ILE A 548 -3.60 -37.87 1.05
N PRO A 549 -3.15 -38.51 2.12
CA PRO A 549 -4.01 -38.59 3.31
C PRO A 549 -4.23 -37.22 3.92
N ILE A 550 -5.45 -37.00 4.38
CA ILE A 550 -5.80 -35.80 5.13
C ILE A 550 -5.96 -36.21 6.58
N ILE A 551 -5.14 -35.62 7.45
CA ILE A 551 -5.22 -35.92 8.87
C ILE A 551 -6.35 -35.10 9.48
N GLU A 552 -6.79 -35.51 10.67
CA GLU A 552 -7.87 -34.80 11.35
C GLU A 552 -7.45 -33.36 11.64
N PHE A 553 -8.42 -32.45 11.52
CA PHE A 553 -8.22 -31.05 11.86
C PHE A 553 -9.58 -30.48 12.21
N GLU A 554 -9.57 -29.39 12.97
CA GLU A 554 -10.80 -28.85 13.54
C GLU A 554 -11.50 -27.90 12.57
N ARG A 555 -10.76 -26.89 12.08
CA ARG A 555 -11.28 -25.81 11.26
C ARG A 555 -10.67 -25.82 9.86
N ASP A 556 -9.35 -25.76 9.78
CA ASP A 556 -8.66 -25.71 8.50
C ASP A 556 -7.24 -26.21 8.71
N LEU A 557 -6.60 -26.52 7.59
CA LEU A 557 -5.30 -27.17 7.59
C LEU A 557 -4.59 -26.81 6.29
N ALA A 558 -3.29 -26.54 6.37
CA ALA A 558 -2.50 -26.27 5.19
C ALA A 558 -1.64 -27.49 4.89
N ILE A 559 -1.44 -27.75 3.60
CA ILE A 559 -0.60 -28.86 3.15
C ILE A 559 0.33 -28.34 2.07
N LYS A 560 1.62 -28.61 2.23
CA LYS A 560 2.63 -28.26 1.22
C LYS A 560 3.17 -29.55 0.63
N ILE A 561 3.04 -29.70 -0.67
CA ILE A 561 3.45 -30.91 -1.38
C ILE A 561 4.60 -30.54 -2.30
N GLU A 562 5.74 -31.21 -2.14
CA GLU A 562 6.89 -30.98 -2.99
C GLU A 562 7.00 -32.12 -4.00
N LEU A 563 6.98 -31.77 -5.28
CA LEU A 563 7.16 -32.75 -6.34
C LEU A 563 8.64 -33.12 -6.42
N LEU A 564 8.96 -34.36 -6.10
CA LEU A 564 10.35 -34.82 -6.13
C LEU A 564 10.66 -35.46 -7.48
#